data_1L4G
#
_entry.id   1L4G
#
_cell.length_a   71.720
_cell.length_b   89.970
_cell.length_c   47.530
_cell.angle_alpha   90.00
_cell.angle_beta   90.00
_cell.angle_gamma   90.00
#
_symmetry.space_group_name_H-M   'P 21 21 2'
#
loop_
_entity.id
_entity.type
_entity.pdbx_description
1 polymer 'Nicotinate-nucleotide--dimethylbenzimidazole phosphoribosyltransferase'
2 non-polymer 4-METHYLCATECHOL
3 non-polymer 'NICOTINATE MONONUCLEOTIDE'
4 water water
#
_entity_poly.entity_id   1
_entity_poly.type   'polypeptide(L)'
_entity_poly.pdbx_seq_one_letter_code
;MQTLHALLRDIPAPDAEAMARTQQHIDGLLKPPGSLGRLETLAVQLAGMPGLNGTPQVGEKAVLVMCADHGVWDEGVAVS
PKIVTAIQAANMTRGTTGVCVLAAQAGAKVHVIDVGIDAEPIPGVVNMRVARGCGNIAVGPAMSRLQAEALLLEVSRYTC
DLAQRGVTLFGVGELGMANTTPAAAMVSVFTGSDAKEVVGIGANLPPSRIDNKVDVVRRAIAINQPNPRDGIDVLSKVGG
FDLVGMTGVMLGAARCGLPVLLDGFLSYSAALAACQIAPAVRPYLIPSHFSAEKGARIALAHLSMEPYLHMAMRLGEGSG
AALAMPIVEAACAMFHNMGELAASNIVLPEGNANAT
;
_entity_poly.pdbx_strand_id   A
#
loop_
_chem_comp.id
_chem_comp.type
_chem_comp.name
_chem_comp.formula
MCT non-polymer 4-METHYLCATECHOL 'C7 H8 O2'
NCN non-polymer 'NICOTINATE MONONUCLEOTIDE' 'C11 H14 N O9 P'
#
# COMPACT_ATOMS: atom_id res chain seq x y z
N LEU A 4 11.32 -16.20 7.23
CA LEU A 4 10.56 -15.52 6.13
C LEU A 4 9.74 -16.52 5.33
N HIS A 5 10.38 -17.63 4.95
CA HIS A 5 9.69 -18.66 4.18
C HIS A 5 8.58 -19.20 5.09
N ALA A 6 8.86 -19.19 6.39
CA ALA A 6 7.91 -19.65 7.38
C ALA A 6 6.75 -18.64 7.40
N LEU A 7 7.11 -17.37 7.37
CA LEU A 7 6.15 -16.28 7.36
C LEU A 7 5.17 -16.42 6.20
N LEU A 8 5.73 -16.61 5.00
CA LEU A 8 4.94 -16.74 3.78
C LEU A 8 4.12 -18.02 3.75
N ARG A 9 4.60 -19.04 4.46
CA ARG A 9 3.91 -20.33 4.50
C ARG A 9 2.69 -20.28 5.41
N ASP A 10 2.75 -19.46 6.46
CA ASP A 10 1.66 -19.37 7.41
C ASP A 10 0.57 -18.32 7.14
N ILE A 11 0.61 -17.68 5.98
CA ILE A 11 -0.42 -16.69 5.66
C ILE A 11 -1.73 -17.45 5.53
N PRO A 12 -2.71 -17.14 6.39
CA PRO A 12 -4.01 -17.84 6.33
C PRO A 12 -4.87 -17.59 5.10
N ALA A 13 -5.61 -18.62 4.68
CA ALA A 13 -6.51 -18.45 3.54
C ALA A 13 -7.77 -17.83 4.10
N PRO A 14 -8.61 -17.22 3.24
CA PRO A 14 -9.86 -16.59 3.67
C PRO A 14 -10.87 -17.62 4.18
N ASP A 15 -11.67 -17.20 5.16
CA ASP A 15 -12.69 -18.07 5.76
C ASP A 15 -13.99 -18.05 4.96
N ALA A 16 -14.13 -19.01 4.05
CA ALA A 16 -15.31 -19.12 3.21
C ALA A 16 -16.59 -19.31 4.01
N GLU A 17 -16.50 -19.96 5.16
CA GLU A 17 -17.67 -20.21 5.99
C GLU A 17 -18.24 -18.90 6.52
N ALA A 18 -17.37 -18.03 7.00
CA ALA A 18 -17.80 -16.75 7.53
C ALA A 18 -18.32 -15.87 6.39
N MET A 19 -17.69 -15.98 5.24
CA MET A 19 -18.10 -15.18 4.09
C MET A 19 -19.53 -15.56 3.66
N ALA A 20 -19.82 -16.86 3.64
CA ALA A 20 -21.15 -17.32 3.25
C ALA A 20 -22.21 -16.82 4.24
N ARG A 21 -21.89 -16.84 5.53
CA ARG A 21 -22.83 -16.35 6.53
C ARG A 21 -23.01 -14.85 6.36
N THR A 22 -21.95 -14.17 5.93
CA THR A 22 -22.00 -12.74 5.71
C THR A 22 -22.97 -12.41 4.59
N GLN A 23 -22.79 -13.06 3.45
CA GLN A 23 -23.65 -12.82 2.31
C GLN A 23 -25.12 -13.02 2.64
N GLN A 24 -25.43 -14.12 3.32
CA GLN A 24 -26.80 -14.42 3.69
C GLN A 24 -27.40 -13.29 4.53
N HIS A 25 -26.64 -12.81 5.51
CA HIS A 25 -27.10 -11.74 6.38
C HIS A 25 -27.32 -10.44 5.60
N ILE A 26 -26.38 -10.11 4.72
CA ILE A 26 -26.50 -8.88 3.91
C ILE A 26 -27.72 -8.92 3.00
N ASP A 27 -28.00 -10.08 2.40
CA ASP A 27 -29.13 -10.23 1.50
C ASP A 27 -30.45 -10.02 2.23
N GLY A 28 -30.49 -10.27 3.54
CA GLY A 28 -31.71 -10.10 4.29
C GLY A 28 -31.95 -8.71 4.86
N LEU A 29 -31.00 -7.80 4.65
CA LEU A 29 -31.12 -6.44 5.18
C LEU A 29 -32.21 -5.64 4.48
N LEU A 30 -32.68 -4.60 5.15
CA LEU A 30 -33.75 -3.74 4.65
C LEU A 30 -33.39 -3.01 3.37
N LYS A 31 -33.31 -3.75 2.26
CA LYS A 31 -32.96 -3.14 0.98
C LYS A 31 -33.06 -4.16 -0.15
N PRO A 32 -33.17 -3.67 -1.39
CA PRO A 32 -33.26 -4.60 -2.52
C PRO A 32 -31.93 -5.35 -2.54
N PRO A 33 -31.98 -6.67 -2.74
CA PRO A 33 -30.74 -7.46 -2.77
C PRO A 33 -29.70 -6.84 -3.71
N GLY A 34 -28.47 -6.74 -3.21
CA GLY A 34 -27.37 -6.19 -3.99
C GLY A 34 -27.39 -4.69 -4.25
N SER A 35 -28.41 -3.99 -3.76
CA SER A 35 -28.53 -2.55 -3.99
C SER A 35 -27.38 -1.72 -3.43
N LEU A 36 -26.69 -2.22 -2.42
CA LEU A 36 -25.57 -1.47 -1.85
C LEU A 36 -24.22 -1.79 -2.52
N GLY A 37 -24.31 -2.47 -3.66
CA GLY A 37 -23.14 -2.82 -4.45
C GLY A 37 -21.81 -3.21 -3.83
N ARG A 38 -20.77 -2.44 -4.14
CA ARG A 38 -19.44 -2.72 -3.64
C ARG A 38 -19.31 -2.60 -2.12
N LEU A 39 -20.28 -1.97 -1.49
CA LEU A 39 -20.23 -1.84 -0.04
C LEU A 39 -20.53 -3.23 0.56
N GLU A 40 -21.35 -4.02 -0.13
CA GLU A 40 -21.71 -5.35 0.32
C GLU A 40 -20.55 -6.30 0.06
N THR A 41 -19.97 -6.17 -1.12
CA THR A 41 -18.83 -6.99 -1.52
C THR A 41 -17.69 -6.78 -0.53
N LEU A 42 -17.50 -5.52 -0.12
CA LEU A 42 -16.44 -5.20 0.83
C LEU A 42 -16.69 -5.88 2.19
N ALA A 43 -17.93 -5.83 2.65
CA ALA A 43 -18.28 -6.42 3.94
C ALA A 43 -17.99 -7.93 3.93
N VAL A 44 -18.22 -8.57 2.80
CA VAL A 44 -17.98 -10.00 2.70
C VAL A 44 -16.48 -10.28 2.73
N GLN A 45 -15.70 -9.47 2.04
CA GLN A 45 -14.26 -9.64 2.00
C GLN A 45 -13.68 -9.59 3.42
N LEU A 46 -14.11 -8.58 4.17
CA LEU A 46 -13.65 -8.39 5.55
C LEU A 46 -13.99 -9.60 6.42
N ALA A 47 -15.21 -10.11 6.29
CA ALA A 47 -15.63 -11.26 7.07
C ALA A 47 -14.80 -12.49 6.79
N GLY A 48 -14.15 -12.52 5.64
CA GLY A 48 -13.32 -13.67 5.30
C GLY A 48 -11.94 -13.67 5.95
N MET A 49 -11.53 -12.51 6.43
CA MET A 49 -10.22 -12.31 7.08
C MET A 49 -10.19 -12.81 8.52
N PRO A 50 -9.48 -13.94 8.78
CA PRO A 50 -9.36 -14.58 10.11
C PRO A 50 -9.10 -13.63 11.27
N GLY A 51 -8.33 -12.59 11.04
CA GLY A 51 -8.05 -11.64 12.12
C GLY A 51 -9.25 -10.83 12.57
N LEU A 52 -10.30 -10.76 11.75
CA LEU A 52 -11.48 -9.98 12.12
C LEU A 52 -12.56 -10.76 12.84
N ASN A 53 -12.22 -11.97 13.28
CA ASN A 53 -13.15 -12.79 14.02
C ASN A 53 -14.50 -13.06 13.34
N GLY A 54 -14.44 -13.67 12.16
CA GLY A 54 -15.64 -14.03 11.41
C GLY A 54 -16.71 -12.98 11.18
N THR A 55 -16.35 -11.70 11.25
CA THR A 55 -17.34 -10.66 11.03
C THR A 55 -16.69 -9.36 10.59
N PRO A 56 -17.39 -8.56 9.76
CA PRO A 56 -16.80 -7.30 9.32
C PRO A 56 -16.79 -6.33 10.50
N GLN A 57 -15.61 -5.98 10.96
CA GLN A 57 -15.47 -5.07 12.09
C GLN A 57 -14.21 -4.25 11.97
N VAL A 58 -14.14 -3.14 12.70
CA VAL A 58 -12.98 -2.26 12.69
C VAL A 58 -12.69 -1.77 14.09
N GLY A 59 -11.52 -2.13 14.62
CA GLY A 59 -11.17 -1.69 15.96
C GLY A 59 -10.30 -0.45 15.83
N GLU A 60 -9.02 -0.56 16.17
CA GLU A 60 -8.11 0.56 16.03
C GLU A 60 -7.60 0.60 14.60
N LYS A 61 -7.18 1.78 14.15
CA LYS A 61 -6.68 1.98 12.80
C LYS A 61 -5.30 2.63 12.83
N ALA A 62 -4.40 2.17 11.97
CA ALA A 62 -3.06 2.73 11.92
C ALA A 62 -2.59 2.91 10.48
N VAL A 63 -1.84 3.98 10.23
CA VAL A 63 -1.30 4.23 8.90
C VAL A 63 0.23 4.22 9.02
N LEU A 64 0.88 3.24 8.41
CA LEU A 64 2.33 3.14 8.48
C LEU A 64 2.96 3.83 7.29
N VAL A 65 3.77 4.85 7.56
CA VAL A 65 4.43 5.58 6.50
C VAL A 65 5.93 5.29 6.46
N MET A 66 6.36 4.61 5.39
CA MET A 66 7.76 4.24 5.20
C MET A 66 8.48 5.38 4.48
N CYS A 67 9.51 5.92 5.13
CA CYS A 67 10.27 7.01 4.54
C CYS A 67 11.71 6.64 4.22
N ALA A 68 12.18 7.07 3.06
CA ALA A 68 13.53 6.78 2.64
C ALA A 68 13.94 7.61 1.43
N ASP A 69 15.24 7.74 1.22
CA ASP A 69 15.77 8.47 0.09
C ASP A 69 16.29 7.49 -0.97
N HIS A 70 16.44 7.99 -2.19
CA HIS A 70 16.87 7.16 -3.32
C HIS A 70 18.07 7.75 -4.05
N GLY A 71 19.04 6.89 -4.35
CA GLY A 71 20.22 7.35 -5.06
C GLY A 71 19.92 7.90 -6.43
N VAL A 72 18.91 7.34 -7.09
CA VAL A 72 18.53 7.76 -8.44
C VAL A 72 18.12 9.24 -8.52
N TRP A 73 17.96 9.86 -7.36
CA TRP A 73 17.59 11.27 -7.31
C TRP A 73 18.65 12.07 -8.09
N ASP A 74 19.89 11.58 -8.06
CA ASP A 74 20.99 12.26 -8.75
C ASP A 74 20.90 12.23 -10.26
N GLU A 75 19.95 11.47 -10.80
CA GLU A 75 19.80 11.39 -12.25
C GLU A 75 18.87 12.50 -12.77
N GLY A 76 18.49 13.43 -11.88
CA GLY A 76 17.63 14.52 -12.29
C GLY A 76 16.19 14.13 -12.58
N VAL A 77 15.70 13.08 -11.92
CA VAL A 77 14.32 12.62 -12.13
C VAL A 77 13.29 13.22 -11.18
N ALA A 78 13.73 14.07 -10.25
CA ALA A 78 12.83 14.70 -9.28
C ALA A 78 13.21 16.16 -9.03
N VAL A 79 12.23 17.05 -9.04
CA VAL A 79 12.49 18.46 -8.83
C VAL A 79 12.38 18.92 -7.37
N SER A 80 12.02 18.03 -6.46
CA SER A 80 11.94 18.41 -5.06
C SER A 80 13.33 18.23 -4.45
N PRO A 81 13.78 19.18 -3.64
CA PRO A 81 15.09 19.07 -3.00
C PRO A 81 15.09 17.76 -2.23
N LYS A 82 16.24 17.08 -2.22
CA LYS A 82 16.35 15.81 -1.54
C LYS A 82 16.04 15.87 -0.05
N ILE A 83 16.38 16.98 0.60
CA ILE A 83 16.12 17.11 2.03
C ILE A 83 14.64 17.16 2.41
N VAL A 84 13.76 17.34 1.42
CA VAL A 84 12.35 17.40 1.72
C VAL A 84 11.89 16.11 2.40
N THR A 85 12.53 14.98 2.08
CA THR A 85 12.15 13.71 2.71
C THR A 85 12.30 13.81 4.23
N ALA A 86 13.50 14.20 4.68
CA ALA A 86 13.78 14.34 6.11
C ALA A 86 12.92 15.39 6.80
N ILE A 87 12.74 16.54 6.15
CA ILE A 87 11.93 17.62 6.69
C ILE A 87 10.48 17.18 6.87
N GLN A 88 9.91 16.58 5.83
CA GLN A 88 8.54 16.11 5.84
C GLN A 88 8.36 14.99 6.86
N ALA A 89 9.36 14.14 7.01
CA ALA A 89 9.26 13.05 7.97
C ALA A 89 9.14 13.68 9.36
N ALA A 90 9.89 14.76 9.59
CA ALA A 90 9.82 15.44 10.88
C ALA A 90 8.40 15.99 11.07
N ASN A 91 7.88 16.68 10.06
CA ASN A 91 6.53 17.24 10.16
C ASN A 91 5.48 16.18 10.47
N MET A 92 5.74 14.94 10.08
CA MET A 92 4.82 13.84 10.35
C MET A 92 4.61 13.69 11.86
N THR A 93 5.67 13.96 12.62
CA THR A 93 5.62 13.84 14.08
C THR A 93 4.91 15.03 14.73
N ARG A 94 4.60 16.04 13.93
CA ARG A 94 3.92 17.24 14.42
C ARG A 94 2.45 17.29 14.01
N GLY A 95 2.01 16.29 13.25
CA GLY A 95 0.64 16.23 12.82
C GLY A 95 0.21 17.35 11.88
N THR A 96 1.13 17.85 11.06
CA THR A 96 0.83 18.94 10.13
C THR A 96 0.78 18.54 8.67
N THR A 97 1.13 17.29 8.36
CA THR A 97 1.13 16.80 6.98
C THR A 97 -0.26 16.35 6.52
N GLY A 98 -0.40 16.12 5.22
CA GLY A 98 -1.66 15.67 4.68
C GLY A 98 -2.20 14.39 5.31
N VAL A 99 -1.38 13.35 5.38
CA VAL A 99 -1.85 12.09 5.96
C VAL A 99 -2.20 12.27 7.44
N CYS A 100 -1.46 13.13 8.14
CA CYS A 100 -1.73 13.40 9.55
C CYS A 100 -3.13 13.97 9.74
N VAL A 101 -3.49 14.93 8.90
CA VAL A 101 -4.79 15.58 8.96
C VAL A 101 -5.92 14.61 8.54
N LEU A 102 -5.72 13.86 7.46
CA LEU A 102 -6.75 12.93 7.01
C LEU A 102 -6.89 11.76 7.98
N ALA A 103 -5.78 11.33 8.60
CA ALA A 103 -5.83 10.21 9.55
C ALA A 103 -6.63 10.63 10.78
N ALA A 104 -6.34 11.84 11.26
CA ALA A 104 -7.03 12.38 12.43
C ALA A 104 -8.54 12.43 12.20
N GLN A 105 -8.94 12.80 10.98
CA GLN A 105 -10.36 12.88 10.65
C GLN A 105 -10.98 11.50 10.71
N ALA A 106 -10.18 10.47 10.43
CA ALA A 106 -10.64 9.09 10.43
C ALA A 106 -10.39 8.36 11.75
N GLY A 107 -9.84 9.07 12.72
CA GLY A 107 -9.56 8.47 14.02
C GLY A 107 -8.47 7.41 13.92
N ALA A 108 -7.51 7.60 13.01
CA ALA A 108 -6.43 6.64 12.87
C ALA A 108 -5.12 7.21 13.37
N LYS A 109 -4.20 6.35 13.75
CA LYS A 109 -2.91 6.81 14.23
C LYS A 109 -1.86 6.60 13.16
N VAL A 110 -1.04 7.62 12.97
CA VAL A 110 0.01 7.57 11.97
C VAL A 110 1.33 7.11 12.56
N HIS A 111 1.97 6.17 11.88
CA HIS A 111 3.26 5.65 12.32
C HIS A 111 4.32 6.00 11.28
N VAL A 112 5.25 6.87 11.67
CA VAL A 112 6.31 7.30 10.77
C VAL A 112 7.51 6.36 10.96
N ILE A 113 7.84 5.63 9.90
CA ILE A 113 8.95 4.69 9.96
C ILE A 113 10.06 5.07 9.01
N ASP A 114 11.25 5.28 9.57
CA ASP A 114 12.41 5.63 8.76
C ASP A 114 13.09 4.33 8.37
N VAL A 115 13.10 4.04 7.08
CA VAL A 115 13.74 2.83 6.60
C VAL A 115 15.00 3.14 5.76
N GLY A 116 15.33 4.43 5.63
CA GLY A 116 16.50 4.79 4.85
C GLY A 116 16.61 6.23 4.40
N ILE A 117 16.28 7.17 5.30
CA ILE A 117 16.38 8.60 5.01
C ILE A 117 17.85 8.99 5.03
N ASP A 118 18.27 9.79 4.05
CA ASP A 118 19.65 10.24 3.94
C ASP A 118 19.82 11.51 4.76
N ALA A 119 19.86 11.34 6.08
CA ALA A 119 20.01 12.43 7.01
C ALA A 119 20.19 11.84 8.41
N GLU A 120 20.39 12.68 9.41
CA GLU A 120 20.54 12.18 10.77
C GLU A 120 19.21 11.64 11.27
N PRO A 121 19.25 10.74 12.26
CA PRO A 121 18.02 10.15 12.82
C PRO A 121 17.09 11.25 13.30
N ILE A 122 15.80 11.06 13.07
CA ILE A 122 14.80 12.04 13.49
C ILE A 122 14.10 11.54 14.75
N PRO A 123 14.23 12.27 15.86
CA PRO A 123 13.58 11.83 17.11
C PRO A 123 12.07 11.80 16.96
N GLY A 124 11.45 10.75 17.48
CA GLY A 124 10.02 10.63 17.39
C GLY A 124 9.62 9.69 16.27
N VAL A 125 10.57 9.45 15.37
CA VAL A 125 10.35 8.56 14.23
C VAL A 125 10.89 7.15 14.48
N VAL A 126 10.12 6.14 14.10
CA VAL A 126 10.54 4.76 14.30
C VAL A 126 11.78 4.52 13.46
N ASN A 127 12.83 4.03 14.09
CA ASN A 127 14.07 3.79 13.40
C ASN A 127 14.27 2.36 12.90
N MET A 128 14.21 2.19 11.58
CA MET A 128 14.44 0.90 10.94
C MET A 128 15.28 1.12 9.68
N ARG A 129 16.06 2.20 9.68
CA ARG A 129 16.89 2.54 8.52
C ARG A 129 17.95 1.52 8.14
N VAL A 130 17.97 1.17 6.86
CA VAL A 130 18.92 0.20 6.34
C VAL A 130 20.22 0.92 6.02
N ALA A 131 20.10 2.09 5.43
CA ALA A 131 21.25 2.92 5.07
C ALA A 131 20.76 4.33 4.77
N ARG A 132 21.68 5.23 4.48
CA ARG A 132 21.32 6.60 4.15
C ARG A 132 20.99 6.68 2.67
N GLY A 133 19.76 6.29 2.34
CA GLY A 133 19.33 6.27 0.96
C GLY A 133 19.74 4.96 0.33
N CYS A 134 19.04 4.53 -0.73
CA CYS A 134 19.39 3.29 -1.40
C CYS A 134 20.30 3.60 -2.58
N GLY A 135 20.92 2.57 -3.13
CA GLY A 135 21.82 2.77 -4.26
C GLY A 135 21.10 3.32 -5.47
N ASN A 136 21.83 4.01 -6.35
CA ASN A 136 21.28 4.58 -7.57
C ASN A 136 20.97 3.43 -8.54
N ILE A 137 19.69 3.13 -8.73
CA ILE A 137 19.30 2.02 -9.61
C ILE A 137 19.70 2.18 -11.08
N ALA A 138 20.11 3.39 -11.45
CA ALA A 138 20.50 3.62 -12.84
C ALA A 138 21.83 2.96 -13.19
N VAL A 139 22.68 2.76 -12.18
CA VAL A 139 24.00 2.18 -12.38
C VAL A 139 24.23 0.87 -11.65
N GLY A 140 23.22 0.43 -10.91
CA GLY A 140 23.36 -0.83 -10.20
C GLY A 140 22.15 -1.07 -9.32
N PRO A 141 22.22 -2.07 -8.41
CA PRO A 141 21.11 -2.39 -7.52
C PRO A 141 20.88 -1.35 -6.44
N ALA A 142 19.65 -1.26 -5.97
CA ALA A 142 19.30 -0.32 -4.92
C ALA A 142 19.77 -0.89 -3.56
N MET A 143 19.82 -2.21 -3.45
CA MET A 143 20.25 -2.86 -2.22
C MET A 143 20.50 -4.35 -2.53
N SER A 144 21.05 -5.07 -1.55
CA SER A 144 21.32 -6.49 -1.72
C SER A 144 20.06 -7.28 -1.34
N ARG A 145 19.98 -8.53 -1.77
CA ARG A 145 18.84 -9.36 -1.47
C ARG A 145 18.66 -9.52 0.05
N LEU A 146 19.76 -9.69 0.77
CA LEU A 146 19.69 -9.85 2.21
C LEU A 146 19.01 -8.67 2.86
N GLN A 147 19.42 -7.47 2.49
CA GLN A 147 18.83 -6.25 3.04
C GLN A 147 17.32 -6.20 2.76
N ALA A 148 16.92 -6.57 1.55
CA ALA A 148 15.52 -6.56 1.20
C ALA A 148 14.76 -7.53 2.11
N GLU A 149 15.25 -8.75 2.21
CA GLU A 149 14.62 -9.78 3.05
C GLU A 149 14.57 -9.40 4.53
N ALA A 150 15.65 -8.79 5.02
CA ALA A 150 15.71 -8.40 6.41
C ALA A 150 14.65 -7.36 6.73
N LEU A 151 14.56 -6.33 5.90
CA LEU A 151 13.57 -5.28 6.12
C LEU A 151 12.16 -5.86 5.97
N LEU A 152 11.98 -6.82 5.07
CA LEU A 152 10.68 -7.44 4.90
C LEU A 152 10.24 -8.07 6.20
N LEU A 153 11.11 -8.90 6.77
CA LEU A 153 10.82 -9.57 8.02
C LEU A 153 10.61 -8.59 9.16
N GLU A 154 11.47 -7.58 9.23
CA GLU A 154 11.40 -6.55 10.26
C GLU A 154 10.05 -5.82 10.24
N VAL A 155 9.69 -5.27 9.10
CA VAL A 155 8.43 -4.54 8.96
C VAL A 155 7.24 -5.49 9.22
N SER A 156 7.30 -6.69 8.68
CA SER A 156 6.23 -7.68 8.87
C SER A 156 5.93 -7.88 10.34
N ARG A 157 6.99 -8.07 11.12
CA ARG A 157 6.87 -8.31 12.55
C ARG A 157 6.26 -7.10 13.26
N TYR A 158 6.73 -5.91 12.88
CA TYR A 158 6.24 -4.67 13.47
C TYR A 158 4.72 -4.55 13.26
N THR A 159 4.28 -4.83 12.04
CA THR A 159 2.88 -4.72 11.66
C THR A 159 1.95 -5.67 12.42
N CYS A 160 2.28 -6.95 12.43
CA CYS A 160 1.44 -7.95 13.09
C CYS A 160 1.52 -7.74 14.62
N ASP A 161 2.60 -7.13 15.10
CA ASP A 161 2.76 -6.85 16.52
C ASP A 161 1.73 -5.79 16.93
N LEU A 162 1.44 -4.86 16.02
CA LEU A 162 0.45 -3.81 16.29
C LEU A 162 -0.92 -4.43 16.43
N ALA A 163 -1.16 -5.49 15.67
CA ALA A 163 -2.42 -6.21 15.71
C ALA A 163 -2.72 -6.69 17.12
N GLN A 164 -1.66 -7.00 17.86
CA GLN A 164 -1.78 -7.46 19.22
C GLN A 164 -2.14 -6.31 20.15
N ARG A 165 -2.09 -5.09 19.64
CA ARG A 165 -2.40 -3.92 20.46
C ARG A 165 -3.79 -3.36 20.13
N GLY A 166 -4.58 -4.11 19.36
CA GLY A 166 -5.92 -3.66 19.05
C GLY A 166 -6.17 -3.15 17.64
N VAL A 167 -5.12 -3.04 16.83
CA VAL A 167 -5.28 -2.55 15.46
C VAL A 167 -5.84 -3.66 14.57
N THR A 168 -6.93 -3.35 13.86
CA THR A 168 -7.57 -4.32 12.97
C THR A 168 -7.56 -3.86 11.51
N LEU A 169 -7.20 -2.60 11.28
CA LEU A 169 -7.17 -2.05 9.93
C LEU A 169 -5.91 -1.23 9.69
N PHE A 170 -5.18 -1.56 8.64
CA PHE A 170 -3.96 -0.85 8.33
C PHE A 170 -4.06 -0.05 7.03
N GLY A 171 -3.26 1.02 6.97
CA GLY A 171 -3.20 1.87 5.80
C GLY A 171 -1.71 1.88 5.48
N VAL A 172 -1.34 1.86 4.22
CA VAL A 172 0.07 1.86 3.89
C VAL A 172 0.43 3.16 3.16
N GLY A 173 1.64 3.65 3.40
CA GLY A 173 2.06 4.87 2.75
C GLY A 173 3.56 5.06 2.73
N GLU A 174 4.01 6.07 2.00
CA GLU A 174 5.43 6.36 1.88
C GLU A 174 5.77 7.84 1.76
N LEU A 175 7.08 8.09 1.74
CA LEU A 175 7.63 9.43 1.63
C LEU A 175 9.08 9.29 1.17
N GLY A 176 9.39 9.83 -0.01
CA GLY A 176 10.75 9.73 -0.53
C GLY A 176 10.90 10.35 -1.91
N MET A 177 11.60 11.49 -1.97
CA MET A 177 11.82 12.18 -3.23
C MET A 177 12.43 11.25 -4.28
N ALA A 178 11.84 11.24 -5.47
CA ALA A 178 12.26 10.43 -6.61
C ALA A 178 11.75 9.00 -6.64
N ASN A 179 10.87 8.62 -5.70
CA ASN A 179 10.41 7.22 -5.68
C ASN A 179 9.44 6.77 -6.78
N THR A 180 8.89 7.70 -7.56
CA THR A 180 7.99 7.27 -8.64
C THR A 180 8.84 6.70 -9.78
N THR A 181 10.15 6.85 -9.69
CA THR A 181 11.04 6.30 -10.71
C THR A 181 11.21 4.78 -10.47
N PRO A 182 11.69 4.38 -9.28
CA PRO A 182 11.83 2.93 -9.08
C PRO A 182 10.44 2.28 -9.14
N ALA A 183 9.41 3.02 -8.74
CA ALA A 183 8.04 2.48 -8.79
C ALA A 183 7.66 2.21 -10.23
N ALA A 184 8.00 3.13 -11.13
CA ALA A 184 7.69 2.95 -12.54
C ALA A 184 8.45 1.73 -13.07
N ALA A 185 9.71 1.60 -12.66
CA ALA A 185 10.55 0.48 -13.08
C ALA A 185 9.92 -0.83 -12.65
N MET A 186 9.52 -0.92 -11.39
CA MET A 186 8.90 -2.12 -10.88
C MET A 186 7.62 -2.43 -11.66
N VAL A 187 6.78 -1.43 -11.88
CA VAL A 187 5.55 -1.65 -12.61
C VAL A 187 5.84 -2.14 -14.03
N SER A 188 6.86 -1.56 -14.66
CA SER A 188 7.21 -1.95 -16.02
C SER A 188 7.62 -3.42 -16.06
N VAL A 189 8.47 -3.83 -15.12
CA VAL A 189 8.93 -5.21 -15.04
C VAL A 189 7.82 -6.21 -14.74
N PHE A 190 6.98 -5.92 -13.74
CA PHE A 190 5.91 -6.84 -13.38
C PHE A 190 4.79 -6.99 -14.41
N THR A 191 4.40 -5.89 -15.04
CA THR A 191 3.31 -5.90 -16.01
C THR A 191 3.79 -6.18 -17.43
N GLY A 192 5.07 -5.92 -17.70
CA GLY A 192 5.60 -6.14 -19.04
C GLY A 192 5.21 -5.02 -19.98
N SER A 193 4.98 -3.83 -19.42
CA SER A 193 4.61 -2.67 -20.22
C SER A 193 5.87 -1.86 -20.47
N ASP A 194 5.89 -1.13 -21.59
CA ASP A 194 7.06 -0.32 -21.89
C ASP A 194 7.13 0.82 -20.89
N ALA A 195 8.34 1.23 -20.54
CA ALA A 195 8.55 2.30 -19.58
C ALA A 195 7.79 3.58 -19.87
N LYS A 196 7.70 3.97 -21.14
CA LYS A 196 7.01 5.19 -21.51
C LYS A 196 5.53 5.16 -21.13
N GLU A 197 4.95 3.97 -21.10
CA GLU A 197 3.54 3.85 -20.75
C GLU A 197 3.26 3.94 -19.25
N VAL A 198 4.29 3.80 -18.42
CA VAL A 198 4.09 3.84 -16.97
C VAL A 198 4.84 4.94 -16.22
N VAL A 199 5.67 5.71 -16.90
CA VAL A 199 6.41 6.79 -16.22
C VAL A 199 5.54 8.05 -16.19
N GLY A 200 5.35 8.61 -14.99
CA GLY A 200 4.53 9.81 -14.85
C GLY A 200 5.27 11.06 -14.43
N ILE A 201 4.52 12.07 -14.01
CA ILE A 201 5.11 13.36 -13.60
C ILE A 201 5.54 13.38 -12.13
N GLY A 202 5.18 12.35 -11.38
CA GLY A 202 5.54 12.32 -9.97
C GLY A 202 5.11 13.60 -9.28
N ALA A 203 6.01 14.21 -8.51
CA ALA A 203 5.71 15.44 -7.81
C ALA A 203 6.02 16.66 -8.69
N ASN A 204 5.12 16.92 -9.63
CA ASN A 204 5.24 18.04 -10.56
C ASN A 204 6.52 18.12 -11.38
N LEU A 205 6.91 17.02 -12.01
CA LEU A 205 8.09 17.02 -12.85
C LEU A 205 7.72 17.70 -14.17
N PRO A 206 8.50 18.69 -14.61
CA PRO A 206 8.21 19.39 -15.86
C PRO A 206 8.15 18.43 -17.04
N PRO A 207 7.20 18.68 -17.95
CA PRO A 207 7.02 17.84 -19.12
C PRO A 207 8.31 17.66 -19.92
N SER A 208 9.16 18.68 -19.92
CA SER A 208 10.42 18.63 -20.65
C SER A 208 11.42 17.62 -20.09
N ARG A 209 11.26 17.26 -18.82
CA ARG A 209 12.18 16.32 -18.18
C ARG A 209 11.71 14.87 -18.15
N ILE A 210 10.55 14.58 -18.73
CA ILE A 210 10.02 13.22 -18.75
C ILE A 210 10.92 12.25 -19.53
N ASP A 211 11.37 12.66 -20.71
CA ASP A 211 12.23 11.81 -21.53
C ASP A 211 13.38 11.23 -20.73
N ASN A 212 14.09 12.09 -20.01
CA ASN A 212 15.21 11.62 -19.21
C ASN A 212 14.77 10.56 -18.20
N LYS A 213 13.64 10.80 -17.55
CA LYS A 213 13.12 9.86 -16.56
C LYS A 213 12.91 8.48 -17.20
N VAL A 214 12.32 8.47 -18.40
CA VAL A 214 12.06 7.22 -19.10
C VAL A 214 13.37 6.50 -19.42
N ASP A 215 14.36 7.24 -19.88
CA ASP A 215 15.65 6.62 -20.21
C ASP A 215 16.28 6.01 -18.95
N VAL A 216 16.19 6.72 -17.83
CA VAL A 216 16.74 6.24 -16.57
C VAL A 216 16.07 4.91 -16.17
N VAL A 217 14.75 4.86 -16.27
CA VAL A 217 14.01 3.66 -15.93
C VAL A 217 14.47 2.48 -16.77
N ARG A 218 14.62 2.72 -18.08
CA ARG A 218 15.07 1.66 -19.01
C ARG A 218 16.47 1.19 -18.64
N ARG A 219 17.34 2.14 -18.32
CA ARG A 219 18.71 1.84 -17.95
C ARG A 219 18.76 0.98 -16.69
N ALA A 220 17.92 1.32 -15.72
CA ALA A 220 17.86 0.56 -14.46
C ALA A 220 17.51 -0.88 -14.74
N ILE A 221 16.56 -1.09 -15.64
CA ILE A 221 16.13 -2.43 -15.99
C ILE A 221 17.21 -3.19 -16.77
N ALA A 222 17.74 -2.58 -17.84
CA ALA A 222 18.76 -3.20 -18.67
C ALA A 222 20.01 -3.61 -17.88
N ILE A 223 20.46 -2.72 -17.02
CA ILE A 223 21.65 -2.96 -16.22
C ILE A 223 21.46 -3.96 -15.08
N ASN A 224 20.29 -3.92 -14.44
CA ASN A 224 20.04 -4.82 -13.32
C ASN A 224 19.43 -6.16 -13.69
N GLN A 225 18.73 -6.23 -14.81
CA GLN A 225 18.12 -7.47 -15.24
C GLN A 225 17.30 -8.13 -14.13
N PRO A 226 16.32 -7.41 -13.57
CA PRO A 226 15.52 -8.02 -12.52
C PRO A 226 14.64 -9.14 -13.05
N ASN A 227 14.50 -10.21 -12.26
CA ASN A 227 13.67 -11.33 -12.65
C ASN A 227 12.24 -11.05 -12.24
N PRO A 228 11.33 -10.89 -13.21
CA PRO A 228 9.91 -10.60 -13.02
C PRO A 228 9.15 -11.66 -12.23
N ARG A 229 9.70 -12.87 -12.18
CA ARG A 229 9.02 -13.94 -11.47
C ARG A 229 9.55 -14.04 -10.04
N ASP A 230 10.35 -13.07 -9.63
CA ASP A 230 10.91 -13.04 -8.29
C ASP A 230 10.73 -11.63 -7.70
N GLY A 231 9.61 -11.42 -7.02
CA GLY A 231 9.31 -10.12 -6.44
C GLY A 231 10.45 -9.54 -5.62
N ILE A 232 11.05 -10.38 -4.78
CA ILE A 232 12.14 -9.92 -3.94
C ILE A 232 13.33 -9.49 -4.81
N ASP A 233 13.55 -10.19 -5.91
CA ASP A 233 14.66 -9.84 -6.80
C ASP A 233 14.42 -8.46 -7.44
N VAL A 234 13.16 -8.20 -7.78
CA VAL A 234 12.80 -6.93 -8.38
C VAL A 234 12.96 -5.79 -7.39
N LEU A 235 12.41 -5.97 -6.20
CA LEU A 235 12.49 -4.97 -5.13
C LEU A 235 13.92 -4.59 -4.78
N SER A 236 14.78 -5.59 -4.61
CA SER A 236 16.17 -5.32 -4.25
C SER A 236 16.97 -4.64 -5.36
N LYS A 237 16.65 -4.94 -6.61
CA LYS A 237 17.38 -4.37 -7.74
C LYS A 237 16.93 -2.99 -8.19
N VAL A 238 15.67 -2.86 -8.63
CA VAL A 238 15.16 -1.58 -9.11
C VAL A 238 14.14 -0.95 -8.18
N GLY A 239 14.08 -1.42 -6.94
CA GLY A 239 13.14 -0.87 -5.99
C GLY A 239 13.77 0.17 -5.07
N GLY A 240 13.29 0.19 -3.83
CA GLY A 240 13.79 1.13 -2.83
C GLY A 240 13.40 0.67 -1.43
N PHE A 241 14.01 1.25 -0.39
CA PHE A 241 13.74 0.87 1.00
C PHE A 241 12.28 1.09 1.38
N ASP A 242 11.73 2.22 0.94
CA ASP A 242 10.34 2.56 1.22
C ASP A 242 9.39 1.58 0.53
N LEU A 243 9.70 1.23 -0.72
CA LEU A 243 8.85 0.29 -1.45
C LEU A 243 8.91 -1.09 -0.80
N VAL A 244 10.09 -1.47 -0.35
CA VAL A 244 10.25 -2.75 0.33
C VAL A 244 9.41 -2.73 1.60
N GLY A 245 9.51 -1.65 2.36
CA GLY A 245 8.77 -1.51 3.60
C GLY A 245 7.26 -1.66 3.40
N MET A 246 6.71 -0.99 2.40
CA MET A 246 5.28 -1.10 2.12
C MET A 246 4.92 -2.55 1.82
N THR A 247 5.80 -3.24 1.11
CA THR A 247 5.58 -4.64 0.77
C THR A 247 5.55 -5.44 2.07
N GLY A 248 6.39 -5.05 3.01
CA GLY A 248 6.45 -5.74 4.29
C GLY A 248 5.21 -5.56 5.14
N VAL A 249 4.58 -4.39 5.04
CA VAL A 249 3.36 -4.16 5.80
C VAL A 249 2.26 -5.08 5.26
N MET A 250 2.23 -5.21 3.95
CA MET A 250 1.26 -6.06 3.29
C MET A 250 1.40 -7.54 3.67
N LEU A 251 2.65 -8.01 3.77
CA LEU A 251 2.88 -9.41 4.13
C LEU A 251 2.57 -9.63 5.61
N GLY A 252 2.93 -8.64 6.43
CA GLY A 252 2.67 -8.73 7.85
C GLY A 252 1.19 -8.78 8.14
N ALA A 253 0.42 -7.89 7.53
CA ALA A 253 -1.02 -7.87 7.77
C ALA A 253 -1.68 -9.15 7.27
N ALA A 254 -1.22 -9.65 6.12
CA ALA A 254 -1.78 -10.88 5.59
C ALA A 254 -1.53 -12.03 6.56
N ARG A 255 -0.28 -12.17 7.02
CA ARG A 255 0.08 -13.22 7.98
C ARG A 255 -0.81 -13.10 9.21
N CYS A 256 -1.12 -11.86 9.59
CA CYS A 256 -1.95 -11.53 10.75
C CYS A 256 -3.43 -11.68 10.42
N GLY A 257 -3.72 -11.99 9.16
CA GLY A 257 -5.09 -12.15 8.73
C GLY A 257 -5.91 -10.86 8.82
N LEU A 258 -5.27 -9.73 8.55
CA LEU A 258 -5.95 -8.44 8.62
C LEU A 258 -5.91 -7.67 7.32
N PRO A 259 -6.90 -6.79 7.11
CA PRO A 259 -7.03 -5.95 5.91
C PRO A 259 -6.04 -4.81 5.84
N VAL A 260 -5.60 -4.52 4.62
CA VAL A 260 -4.67 -3.44 4.37
C VAL A 260 -5.21 -2.56 3.25
N LEU A 261 -5.27 -1.27 3.50
CA LEU A 261 -5.73 -0.32 2.50
C LEU A 261 -4.51 0.19 1.74
N LEU A 262 -4.54 0.09 0.42
CA LEU A 262 -3.47 0.60 -0.41
C LEU A 262 -3.64 2.12 -0.50
N ASP A 263 -2.65 2.81 -1.08
CA ASP A 263 -2.75 4.25 -1.21
C ASP A 263 -2.68 4.57 -2.71
N GLY A 264 -1.58 5.17 -3.15
CA GLY A 264 -1.43 5.51 -4.55
C GLY A 264 -0.51 4.65 -5.40
N PHE A 265 0.06 5.28 -6.43
CA PHE A 265 0.96 4.61 -7.37
C PHE A 265 2.10 3.83 -6.73
N LEU A 266 2.80 4.44 -5.77
CA LEU A 266 3.90 3.77 -5.09
C LEU A 266 3.42 2.52 -4.38
N SER A 267 2.23 2.59 -3.79
CA SER A 267 1.67 1.45 -3.07
C SER A 267 1.29 0.34 -4.07
N TYR A 268 0.85 0.73 -5.26
CA TYR A 268 0.47 -0.26 -6.28
C TYR A 268 1.68 -1.13 -6.66
N SER A 269 2.84 -0.51 -6.84
CA SER A 269 4.02 -1.27 -7.21
C SER A 269 4.43 -2.22 -6.09
N ALA A 270 4.30 -1.76 -4.85
CA ALA A 270 4.64 -2.60 -3.70
C ALA A 270 3.65 -3.77 -3.61
N ALA A 271 2.41 -3.51 -4.01
CA ALA A 271 1.37 -4.54 -3.98
C ALA A 271 1.65 -5.58 -5.07
N LEU A 272 2.18 -5.12 -6.20
CA LEU A 272 2.52 -6.03 -7.29
C LEU A 272 3.62 -6.97 -6.81
N ALA A 273 4.61 -6.41 -6.12
CA ALA A 273 5.72 -7.20 -5.59
C ALA A 273 5.18 -8.20 -4.59
N ALA A 274 4.40 -7.71 -3.63
CA ALA A 274 3.81 -8.58 -2.60
C ALA A 274 3.01 -9.76 -3.15
N CYS A 275 2.17 -9.50 -4.14
CA CYS A 275 1.38 -10.58 -4.72
C CYS A 275 2.24 -11.55 -5.52
N GLN A 276 3.37 -11.07 -6.01
CA GLN A 276 4.28 -11.92 -6.77
C GLN A 276 5.00 -12.83 -5.79
N ILE A 277 5.37 -12.29 -4.63
CA ILE A 277 6.09 -13.03 -3.61
C ILE A 277 5.18 -14.05 -2.96
N ALA A 278 3.96 -13.64 -2.65
CA ALA A 278 2.98 -14.51 -2.01
C ALA A 278 1.58 -14.15 -2.48
N PRO A 279 1.05 -14.93 -3.43
CA PRO A 279 -0.29 -14.69 -3.98
C PRO A 279 -1.37 -14.68 -2.91
N ALA A 280 -1.14 -15.44 -1.85
CA ALA A 280 -2.08 -15.53 -0.74
C ALA A 280 -2.34 -14.19 -0.07
N VAL A 281 -1.61 -13.15 -0.47
CA VAL A 281 -1.79 -11.84 0.12
C VAL A 281 -2.94 -11.05 -0.49
N ARG A 282 -3.22 -11.31 -1.77
CA ARG A 282 -4.27 -10.62 -2.50
C ARG A 282 -5.62 -10.39 -1.81
N PRO A 283 -6.19 -11.43 -1.16
CA PRO A 283 -7.48 -11.33 -0.46
C PRO A 283 -7.54 -10.29 0.66
N TYR A 284 -6.37 -9.91 1.18
CA TYR A 284 -6.29 -8.95 2.27
C TYR A 284 -6.13 -7.50 1.79
N LEU A 285 -5.88 -7.31 0.51
CA LEU A 285 -5.70 -5.98 -0.06
C LEU A 285 -7.01 -5.27 -0.41
N ILE A 286 -7.09 -4.00 -0.07
CA ILE A 286 -8.28 -3.20 -0.35
C ILE A 286 -7.81 -1.90 -1.02
N PRO A 287 -8.34 -1.59 -2.20
CA PRO A 287 -7.93 -0.36 -2.88
C PRO A 287 -8.56 0.86 -2.22
N SER A 288 -7.96 2.03 -2.39
CA SER A 288 -8.56 3.23 -1.82
C SER A 288 -8.94 4.18 -2.95
N HIS A 289 -7.96 4.91 -3.48
CA HIS A 289 -8.21 5.87 -4.56
C HIS A 289 -7.46 5.54 -5.84
N PHE A 290 -7.82 6.23 -6.91
CA PHE A 290 -7.19 6.04 -8.21
C PHE A 290 -6.20 7.20 -8.41
N SER A 291 -4.91 6.90 -8.19
CA SER A 291 -3.84 7.88 -8.31
C SER A 291 -3.80 8.51 -9.71
N ALA A 292 -3.44 9.80 -9.76
CA ALA A 292 -3.38 10.53 -11.02
C ALA A 292 -2.09 10.24 -11.77
N GLU A 293 -1.25 9.38 -11.20
CA GLU A 293 0.00 9.03 -11.86
C GLU A 293 -0.33 8.25 -13.15
N LYS A 294 0.39 8.57 -14.22
CA LYS A 294 0.19 7.96 -15.53
C LYS A 294 0.08 6.43 -15.56
N GLY A 295 0.99 5.75 -14.86
CA GLY A 295 0.98 4.29 -14.86
C GLY A 295 -0.03 3.63 -13.92
N ALA A 296 -0.86 4.43 -13.27
CA ALA A 296 -1.84 3.90 -12.32
C ALA A 296 -2.81 2.88 -12.91
N ARG A 297 -3.39 3.19 -14.07
CA ARG A 297 -4.36 2.30 -14.71
C ARG A 297 -3.77 0.92 -14.98
N ILE A 298 -2.58 0.88 -15.57
CA ILE A 298 -1.91 -0.37 -15.90
C ILE A 298 -1.62 -1.18 -14.65
N ALA A 299 -1.05 -0.53 -13.63
CA ALA A 299 -0.73 -1.22 -12.39
C ALA A 299 -1.99 -1.84 -11.76
N LEU A 300 -3.05 -1.04 -11.68
CA LEU A 300 -4.31 -1.51 -11.09
C LEU A 300 -4.95 -2.66 -11.86
N ALA A 301 -4.83 -2.66 -13.18
CA ALA A 301 -5.41 -3.71 -14.00
C ALA A 301 -4.74 -5.05 -13.72
N HIS A 302 -3.42 -5.03 -13.57
CA HIS A 302 -2.70 -6.27 -13.31
C HIS A 302 -2.95 -6.76 -11.90
N LEU A 303 -3.41 -5.85 -11.05
CA LEU A 303 -3.73 -6.17 -9.66
C LEU A 303 -5.20 -6.56 -9.65
N SER A 304 -5.87 -6.30 -10.77
CA SER A 304 -7.29 -6.58 -10.93
C SER A 304 -8.08 -5.83 -9.86
N MET A 305 -7.74 -4.56 -9.63
CA MET A 305 -8.43 -3.76 -8.62
C MET A 305 -9.13 -2.52 -9.18
N GLU A 306 -10.24 -2.15 -8.56
CA GLU A 306 -11.00 -0.97 -8.96
C GLU A 306 -11.16 -0.06 -7.76
N PRO A 307 -10.39 1.04 -7.70
CA PRO A 307 -10.46 1.98 -6.57
C PRO A 307 -11.87 2.54 -6.31
N TYR A 308 -12.15 2.81 -5.05
CA TYR A 308 -13.44 3.37 -4.66
C TYR A 308 -13.50 4.89 -4.88
N LEU A 309 -12.39 5.56 -4.62
CA LEU A 309 -12.31 7.00 -4.76
C LEU A 309 -11.56 7.49 -5.99
N HIS A 310 -12.15 8.46 -6.68
CA HIS A 310 -11.55 9.08 -7.84
C HIS A 310 -11.36 10.54 -7.43
N MET A 311 -10.19 10.86 -6.90
CA MET A 311 -9.91 12.21 -6.43
C MET A 311 -8.76 12.89 -7.14
N ALA A 312 -8.18 12.23 -8.14
CA ALA A 312 -7.05 12.77 -8.88
C ALA A 312 -5.90 13.15 -7.94
N MET A 313 -5.81 12.44 -6.82
CA MET A 313 -4.75 12.70 -5.85
C MET A 313 -3.44 12.07 -6.23
N ARG A 314 -2.34 12.70 -5.82
CA ARG A 314 -0.99 12.21 -6.13
C ARG A 314 0.00 12.75 -5.11
N LEU A 315 -0.43 12.80 -3.85
CA LEU A 315 0.41 13.29 -2.77
C LEU A 315 1.29 12.22 -2.12
N GLY A 316 0.69 11.05 -1.84
CA GLY A 316 1.41 9.98 -1.19
C GLY A 316 1.13 10.10 0.31
N GLU A 317 2.10 9.64 1.12
CA GLU A 317 2.00 9.64 2.59
C GLU A 317 0.95 8.67 3.12
N GLY A 318 0.17 8.08 2.23
CA GLY A 318 -0.87 7.19 2.65
C GLY A 318 -2.14 8.01 2.84
N SER A 319 -2.15 9.21 2.27
CA SER A 319 -3.31 10.11 2.38
C SER A 319 -4.59 9.50 1.79
N GLY A 320 -4.44 8.76 0.70
CA GLY A 320 -5.62 8.14 0.08
C GLY A 320 -6.17 7.08 1.01
N ALA A 321 -5.25 6.29 1.57
CA ALA A 321 -5.61 5.22 2.49
C ALA A 321 -6.50 5.74 3.62
N ALA A 322 -6.03 6.79 4.28
CA ALA A 322 -6.77 7.40 5.39
C ALA A 322 -8.15 7.89 4.94
N LEU A 323 -8.20 8.48 3.76
CA LEU A 323 -9.43 9.01 3.21
C LEU A 323 -10.45 7.89 2.99
N ALA A 324 -9.97 6.69 2.71
CA ALA A 324 -10.88 5.59 2.46
C ALA A 324 -11.30 4.80 3.71
N MET A 325 -10.65 5.05 4.85
CA MET A 325 -10.99 4.33 6.06
C MET A 325 -12.46 4.46 6.47
N PRO A 326 -13.06 5.65 6.29
CA PRO A 326 -14.47 5.80 6.68
C PRO A 326 -15.36 4.85 5.84
N ILE A 327 -14.91 4.56 4.63
CA ILE A 327 -15.67 3.66 3.76
C ILE A 327 -15.69 2.24 4.33
N VAL A 328 -14.54 1.80 4.81
CA VAL A 328 -14.47 0.45 5.38
C VAL A 328 -15.38 0.37 6.59
N GLU A 329 -15.39 1.41 7.41
CA GLU A 329 -16.25 1.44 8.59
C GLU A 329 -17.75 1.51 8.21
N ALA A 330 -18.05 2.10 7.06
CA ALA A 330 -19.43 2.21 6.61
C ALA A 330 -19.98 0.83 6.25
N ALA A 331 -19.13 -0.02 5.67
CA ALA A 331 -19.54 -1.36 5.29
C ALA A 331 -19.84 -2.17 6.54
N CYS A 332 -19.09 -1.90 7.60
CA CYS A 332 -19.29 -2.59 8.86
C CYS A 332 -20.58 -2.09 9.52
N ALA A 333 -20.78 -0.78 9.51
CA ALA A 333 -21.98 -0.19 10.09
C ALA A 333 -23.22 -0.71 9.36
N MET A 334 -23.09 -0.81 8.04
CA MET A 334 -24.20 -1.30 7.22
C MET A 334 -24.56 -2.69 7.73
N PHE A 335 -23.53 -3.54 7.84
CA PHE A 335 -23.66 -4.92 8.27
C PHE A 335 -24.29 -5.13 9.65
N HIS A 336 -23.82 -4.37 10.65
CA HIS A 336 -24.29 -4.54 12.01
C HIS A 336 -25.50 -3.71 12.44
N ASN A 337 -25.72 -2.57 11.80
CA ASN A 337 -26.81 -1.69 12.21
C ASN A 337 -28.10 -1.66 11.40
N MET A 338 -28.11 -2.16 10.18
CA MET A 338 -29.36 -2.11 9.40
C MET A 338 -30.41 -3.11 9.87
N GLY A 339 -31.66 -2.77 9.62
CA GLY A 339 -32.77 -3.64 9.99
C GLY A 339 -32.92 -4.73 8.94
N GLU A 340 -33.83 -5.67 9.17
CA GLU A 340 -34.05 -6.77 8.22
C GLU A 340 -35.44 -6.80 7.60
N LEU A 341 -35.49 -7.16 6.33
CA LEU A 341 -36.74 -7.25 5.57
C LEU A 341 -37.82 -8.07 6.28
N ALA A 342 -37.46 -9.28 6.71
CA ALA A 342 -38.41 -10.16 7.37
C ALA A 342 -39.08 -9.52 8.58
N ALA A 343 -38.35 -8.66 9.28
CA ALA A 343 -38.88 -7.99 10.45
C ALA A 343 -39.99 -7.00 10.10
N SER A 344 -39.86 -6.35 8.95
CA SER A 344 -40.87 -5.39 8.52
C SER A 344 -41.92 -6.07 7.64
N ASN A 345 -41.84 -7.38 7.53
CA ASN A 345 -42.78 -8.13 6.72
C ASN A 345 -42.71 -7.68 5.26
N ILE A 346 -41.51 -7.37 4.78
CA ILE A 346 -41.35 -6.96 3.40
C ILE A 346 -40.83 -8.14 2.59
N VAL A 347 -41.48 -8.43 1.47
CA VAL A 347 -41.06 -9.54 0.61
C VAL A 347 -40.77 -9.04 -0.79
N LEU A 348 -39.49 -9.09 -1.17
CA LEU A 348 -39.05 -8.64 -2.49
C LEU A 348 -38.51 -9.82 -3.30
N PRO A 349 -38.72 -9.83 -4.62
CA PRO A 349 -38.23 -10.91 -5.47
C PRO A 349 -36.72 -11.14 -5.37
C1 MCT B . 6.07 17.45 0.16
C2 MCT B . 5.19 16.49 0.70
C3 MCT B . 5.04 15.28 0.11
O3 MCT B . 4.13 14.29 0.64
C4 MCT B . 5.77 14.99 -1.08
O4 MCT B . 5.57 13.70 -1.66
C5 MCT B . 6.65 15.91 -1.64
C6 MCT B . 6.81 17.15 -1.03
C MCT B . 6.25 18.81 0.82
P NCN C . 8.88 12.18 -7.39
O1P NCN C . 9.30 10.89 -8.01
O2P NCN C . 8.64 13.19 -8.46
O3P NCN C . 10.03 12.73 -6.37
O5' NCN C . 7.53 11.97 -6.58
C5' NCN C . 7.48 11.02 -5.51
C4' NCN C . 7.12 11.70 -4.31
O4' NCN C . 5.86 12.41 -4.49
C3' NCN C . 6.96 10.85 -3.07
O3' NCN C . 7.44 11.52 -1.87
C2' NCN C . 5.43 10.56 -3.07
O2' NCN C . 4.95 10.58 -1.70
C1' NCN C . 4.80 11.65 -3.98
N1 NCN C . 3.92 11.17 -5.11
C6 NCN C . 4.05 11.67 -6.45
C5 NCN C . 3.15 11.12 -7.36
C4 NCN C . 2.14 10.14 -7.08
C3 NCN C . 2.12 9.73 -5.67
C2 NCN C . 2.99 10.23 -4.72
C7 NCN C . 1.00 8.70 -5.52
O7 NCN C . 0.25 8.28 -6.37
O8 NCN C . 0.96 8.32 -4.26
#